data_8AD6
#
_entry.id   8AD6
#
_cell.length_a   105.617
_cell.length_b   42.293
_cell.length_c   64.974
_cell.angle_alpha   90.000
_cell.angle_beta   90.000
_cell.angle_gamma   90.000
#
_symmetry.space_group_name_H-M   'P 21 21 21'
#
loop_
_entity.id
_entity.type
_entity.pdbx_description
1 polymer 'CBS domain-containing protein'
2 non-polymer "(2R,3R,3aS,5R,7aR,9R,10R,10aS,12R,14aR)-2,9-bis(6-amino-9H-purin-9-yl)octahydro-2H,7H-difuro[3,2-d:3',2'-j][1,3,7,9,2,8 ]tetraoxadiphosphacyclododecine-3,5,10,12-tetrol 5,12-dioxide"
3 water water
#
_entity_poly.entity_id   1
_entity_poly.type   'polypeptide(L)'
_entity_poly.pdbx_seq_one_letter_code
;MISLQSDQLLEATVGQFMIEADKVAHVQVGNNLEHALLVLTKTGYTAIPVLDPSYRLHGLIGTNMIMNSIFGLERIEFEK
LDQITVEEVMLTDIPRLHINDPIMKGFGMVINNGFVCVENDEQVFEGIFTRRVVLKELNKHIRSLNK
;
_entity_poly.pdbx_strand_id   A,B
#
# COMPACT_ATOMS: atom_id res chain seq x y z
N LEU A 4 12.04 -16.88 17.60
CA LEU A 4 11.21 -18.07 17.81
C LEU A 4 11.57 -19.19 16.85
N GLN A 5 11.38 -20.42 17.29
CA GLN A 5 11.51 -21.57 16.40
C GLN A 5 10.22 -21.79 15.62
N SER A 6 10.34 -22.55 14.52
CA SER A 6 9.20 -22.74 13.63
C SER A 6 8.04 -23.45 14.33
N ASP A 7 8.32 -24.36 15.26
CA ASP A 7 7.22 -24.98 15.98
C ASP A 7 6.60 -24.05 17.02
N GLN A 8 7.06 -22.80 17.10
CA GLN A 8 6.48 -21.79 17.99
C GLN A 8 5.78 -20.67 17.25
N LEU A 9 6.08 -20.46 15.96
CA LEU A 9 5.56 -19.30 15.25
C LEU A 9 4.04 -19.33 15.21
N LEU A 10 3.45 -20.47 14.88
CA LEU A 10 1.99 -20.54 14.78
C LEU A 10 1.33 -20.28 16.13
N GLU A 11 2.00 -20.64 17.22
CA GLU A 11 1.45 -20.43 18.56
C GLU A 11 1.65 -19.00 19.08
N ALA A 12 2.37 -18.15 18.35
CA ALA A 12 2.64 -16.79 18.78
C ALA A 12 1.37 -15.93 18.66
N THR A 13 1.45 -14.72 19.18
CA THR A 13 0.33 -13.79 19.15
C THR A 13 0.61 -12.63 18.20
N VAL A 14 -0.48 -11.99 17.77
CA VAL A 14 -0.40 -10.81 16.92
C VAL A 14 0.43 -9.72 17.58
N GLY A 15 0.23 -9.51 18.88
CA GLY A 15 0.94 -8.43 19.56
C GLY A 15 2.44 -8.59 19.57
N GLN A 16 2.92 -9.83 19.54
CA GLN A 16 4.36 -10.07 19.54
C GLN A 16 5.04 -9.63 18.26
N PHE A 17 4.27 -9.41 17.19
CA PHE A 17 4.85 -9.02 15.92
C PHE A 17 4.30 -7.71 15.38
N MET A 18 3.41 -7.05 16.10
CA MET A 18 2.85 -5.82 15.56
C MET A 18 3.85 -4.67 15.66
N ILE A 19 3.63 -3.65 14.81
CA ILE A 19 4.27 -2.34 14.98
C ILE A 19 3.51 -1.62 16.08
N GLU A 20 4.21 -1.28 17.16
CA GLU A 20 3.60 -0.63 18.33
C GLU A 20 3.06 0.76 17.98
N ALA A 21 1.95 1.13 18.63
CA ALA A 21 1.24 2.36 18.30
C ALA A 21 2.11 3.60 18.39
N ASP A 22 3.09 3.63 19.29
CA ASP A 22 3.85 4.89 19.35
C ASP A 22 4.79 5.06 18.16
N LYS A 23 4.89 4.07 17.29
CA LYS A 23 5.57 4.20 16.01
C LYS A 23 4.63 4.27 14.81
N VAL A 24 3.32 4.30 15.04
CA VAL A 24 2.33 4.27 13.97
C VAL A 24 1.84 5.69 13.72
N ALA A 25 1.99 6.16 12.49
CA ALA A 25 1.41 7.44 12.11
C ALA A 25 -0.11 7.34 12.12
N HIS A 26 -0.77 8.37 12.64
CA HIS A 26 -2.23 8.37 12.65
C HIS A 26 -2.73 9.80 12.71
N VAL A 27 -4.04 9.96 12.54
CA VAL A 27 -4.72 11.23 12.70
C VAL A 27 -5.97 11.03 13.54
N GLN A 28 -6.69 12.12 13.80
CA GLN A 28 -7.89 12.13 14.61
C GLN A 28 -9.13 12.28 13.73
N VAL A 29 -10.27 11.76 14.23
CA VAL A 29 -11.51 11.80 13.44
C VAL A 29 -11.88 13.23 13.07
N GLY A 30 -11.60 14.19 13.95
CA GLY A 30 -11.96 15.58 13.77
C GLY A 30 -10.95 16.44 13.03
N ASN A 31 -9.79 15.89 12.65
CA ASN A 31 -8.83 16.64 11.85
C ASN A 31 -9.39 16.90 10.47
N ASN A 32 -8.89 17.96 9.82
CA ASN A 32 -9.33 18.19 8.45
C ASN A 32 -8.45 17.40 7.48
N LEU A 33 -8.88 17.35 6.21
CA LEU A 33 -8.15 16.56 5.22
C LEU A 33 -6.79 17.16 4.90
N GLU A 34 -6.61 18.46 5.04
CA GLU A 34 -5.28 19.03 4.84
C GLU A 34 -4.29 18.43 5.84
N HIS A 35 -4.66 18.36 7.12
CA HIS A 35 -3.77 17.76 8.11
C HIS A 35 -3.48 16.30 7.78
N ALA A 36 -4.52 15.54 7.42
CA ALA A 36 -4.32 14.12 7.09
C ALA A 36 -3.40 13.96 5.89
N LEU A 37 -3.61 14.78 4.85
CA LEU A 37 -2.76 14.71 3.67
C LEU A 37 -1.31 15.04 4.00
N LEU A 38 -1.09 16.03 4.88
CA LEU A 38 0.27 16.35 5.29
CA LEU A 38 0.26 16.36 5.32
C LEU A 38 0.92 15.18 6.03
N VAL A 39 0.20 14.54 6.96
CA VAL A 39 0.78 13.43 7.71
C VAL A 39 1.07 12.25 6.78
N LEU A 40 0.13 11.92 5.91
CA LEU A 40 0.36 10.83 4.96
C LEU A 40 1.59 11.10 4.12
N THR A 41 1.68 12.30 3.55
CA THR A 41 2.79 12.62 2.66
C THR A 41 4.12 12.66 3.42
N LYS A 42 4.17 13.27 4.60
CA LYS A 42 5.44 13.42 5.28
C LYS A 42 5.93 12.09 5.86
N THR A 43 5.01 11.24 6.34
CA THR A 43 5.44 9.94 6.84
C THR A 43 5.65 8.93 5.73
N GLY A 44 5.13 9.19 4.54
CA GLY A 44 5.37 8.36 3.38
C GLY A 44 4.41 7.21 3.20
N TYR A 45 3.37 7.12 4.03
CA TYR A 45 2.44 6.01 3.97
C TYR A 45 1.20 6.38 3.16
N THR A 46 0.58 5.37 2.54
CA THR A 46 -0.58 5.62 1.68
C THR A 46 -1.91 5.58 2.42
N ALA A 47 -1.95 4.95 3.60
CA ALA A 47 -3.16 4.94 4.42
C ALA A 47 -2.75 4.70 5.87
N ILE A 48 -3.44 5.34 6.80
CA ILE A 48 -3.07 5.30 8.21
C ILE A 48 -4.32 5.26 9.08
N PRO A 49 -4.18 4.83 10.34
CA PRO A 49 -5.35 4.78 11.25
C PRO A 49 -5.87 6.15 11.64
N VAL A 50 -7.16 6.17 11.97
CA VAL A 50 -7.88 7.34 12.48
C VAL A 50 -8.41 6.98 13.86
N LEU A 51 -8.02 7.76 14.87
CA LEU A 51 -8.40 7.52 16.25
C LEU A 51 -9.33 8.63 16.73
N ASP A 52 -10.08 8.32 17.79
CA ASP A 52 -10.81 9.37 18.49
C ASP A 52 -9.94 9.93 19.63
N PRO A 53 -10.39 10.96 20.33
CA PRO A 53 -9.52 11.59 21.34
C PRO A 53 -9.14 10.67 22.48
N SER A 54 -9.92 9.64 22.76
CA SER A 54 -9.59 8.68 23.80
C SER A 54 -8.80 7.49 23.28
N TYR A 55 -8.24 7.60 22.07
CA TYR A 55 -7.30 6.63 21.50
C TYR A 55 -7.99 5.33 21.07
N ARG A 56 -9.26 5.38 20.66
CA ARG A 56 -9.94 4.25 20.06
C ARG A 56 -9.98 4.40 18.54
N LEU A 57 -9.75 3.29 17.84
CA LEU A 57 -9.74 3.29 16.38
C LEU A 57 -11.15 3.45 15.82
N HIS A 58 -11.31 4.35 14.83
CA HIS A 58 -12.59 4.51 14.15
C HIS A 58 -12.54 4.22 12.65
N GLY A 59 -11.36 4.23 12.04
CA GLY A 59 -11.31 4.01 10.60
C GLY A 59 -9.89 4.22 10.07
N LEU A 60 -9.80 4.23 8.73
CA LEU A 60 -8.55 4.44 8.02
C LEU A 60 -8.72 5.60 7.06
N ILE A 61 -7.66 6.40 6.89
CA ILE A 61 -7.67 7.50 5.92
C ILE A 61 -6.47 7.32 5.00
N GLY A 62 -6.67 7.58 3.71
CA GLY A 62 -5.60 7.44 2.74
C GLY A 62 -5.65 8.51 1.69
N THR A 63 -4.56 8.59 0.91
CA THR A 63 -4.44 9.64 -0.08
C THR A 63 -5.52 9.53 -1.14
N ASN A 64 -5.83 8.31 -1.60
CA ASN A 64 -6.83 8.18 -2.64
C ASN A 64 -8.20 8.67 -2.16
N MET A 65 -8.55 8.40 -0.89
CA MET A 65 -9.82 8.89 -0.36
C MET A 65 -9.87 10.41 -0.41
N ILE A 66 -8.75 11.04 -0.04
CA ILE A 66 -8.68 12.49 0.00
C ILE A 66 -8.75 13.07 -1.40
N MET A 67 -8.01 12.50 -2.35
CA MET A 67 -8.06 13.03 -3.71
C MET A 67 -9.44 12.83 -4.32
N ASN A 68 -10.11 11.73 -3.98
CA ASN A 68 -11.48 11.53 -4.46
C ASN A 68 -12.39 12.67 -4.01
N SER A 69 -12.11 13.26 -2.85
CA SER A 69 -12.95 14.33 -2.36
CA SER A 69 -12.93 14.34 -2.33
C SER A 69 -12.65 15.68 -2.98
N ILE A 70 -11.48 15.87 -3.59
CA ILE A 70 -11.11 17.19 -4.12
C ILE A 70 -10.89 17.22 -5.63
N PHE A 71 -10.86 16.09 -6.34
CA PHE A 71 -10.85 16.16 -7.80
C PHE A 71 -12.21 16.66 -8.28
N GLY A 72 -12.29 17.91 -8.75
CA GLY A 72 -13.54 18.48 -9.21
C GLY A 72 -13.70 18.36 -10.73
N LEU A 73 -14.82 18.91 -11.22
CA LEU A 73 -15.14 18.83 -12.65
C LEU A 73 -14.10 19.55 -13.49
N GLU A 74 -13.66 20.73 -13.06
CA GLU A 74 -12.78 21.57 -13.85
C GLU A 74 -11.41 21.75 -13.23
N ARG A 75 -11.23 21.44 -11.94
CA ARG A 75 -9.99 21.76 -11.26
C ARG A 75 -9.92 20.95 -9.98
N ILE A 76 -8.72 20.87 -9.42
CA ILE A 76 -8.55 20.29 -8.10
C ILE A 76 -9.01 21.32 -7.07
N GLU A 77 -10.03 20.97 -6.29
CA GLU A 77 -10.69 21.90 -5.38
C GLU A 77 -10.02 21.82 -4.01
N PHE A 78 -8.76 22.28 -3.98
CA PHE A 78 -7.95 22.09 -2.79
C PHE A 78 -8.48 22.89 -1.60
N GLU A 79 -9.33 23.89 -1.84
CA GLU A 79 -9.95 24.59 -0.71
C GLU A 79 -10.75 23.66 0.17
N LYS A 80 -11.26 22.55 -0.39
CA LYS A 80 -12.05 21.62 0.38
C LYS A 80 -11.21 20.87 1.42
N LEU A 81 -9.88 20.83 1.27
CA LEU A 81 -9.05 20.16 2.26
C LEU A 81 -9.25 20.76 3.65
N ASP A 82 -9.49 22.08 3.75
CA ASP A 82 -9.71 22.70 5.05
C ASP A 82 -11.18 22.66 5.47
N GLN A 83 -12.09 22.26 4.58
CA GLN A 83 -13.52 22.29 4.82
C GLN A 83 -14.10 20.92 5.19
N ILE A 84 -13.35 19.84 5.01
CA ILE A 84 -13.85 18.48 5.21
C ILE A 84 -13.03 17.80 6.29
N THR A 85 -13.71 17.04 7.16
CA THR A 85 -13.00 16.32 8.21
C THR A 85 -12.75 14.87 7.82
N VAL A 86 -11.77 14.27 8.49
CA VAL A 86 -11.38 12.89 8.19
C VAL A 86 -12.57 11.96 8.37
N GLU A 87 -13.31 12.13 9.47
CA GLU A 87 -14.55 11.41 9.74
C GLU A 87 -15.45 11.27 8.51
N GLU A 88 -15.55 12.33 7.70
CA GLU A 88 -16.52 12.34 6.63
C GLU A 88 -16.15 11.43 5.46
N VAL A 89 -14.86 11.11 5.28
CA VAL A 89 -14.44 10.33 4.12
C VAL A 89 -13.67 9.07 4.49
N MET A 90 -13.35 8.85 5.76
CA MET A 90 -12.57 7.69 6.15
C MET A 90 -13.33 6.38 5.90
N LEU A 91 -12.55 5.31 5.73
CA LEU A 91 -13.07 3.95 5.60
C LEU A 91 -13.33 3.39 6.99
N THR A 92 -14.58 2.97 7.26
CA THR A 92 -14.90 2.43 8.58
C THR A 92 -15.04 0.91 8.62
N ASP A 93 -15.30 0.26 7.51
CA ASP A 93 -15.41 -1.20 7.47
C ASP A 93 -14.02 -1.80 7.32
N ILE A 94 -13.38 -2.06 8.46
CA ILE A 94 -12.01 -2.57 8.48
C ILE A 94 -11.92 -3.72 9.46
N PRO A 95 -11.01 -4.67 9.30
CA PRO A 95 -10.85 -5.73 10.29
C PRO A 95 -10.11 -5.21 11.52
N ARG A 96 -10.25 -5.93 12.63
CA ARG A 96 -9.52 -5.60 13.84
C ARG A 96 -8.98 -6.88 14.46
N LEU A 97 -7.80 -6.76 15.07
CA LEU A 97 -7.19 -7.83 15.83
C LEU A 97 -7.07 -7.39 17.28
N HIS A 98 -6.99 -8.38 18.16
CA HIS A 98 -6.64 -8.17 19.56
C HIS A 98 -5.17 -8.53 19.77
N ILE A 99 -4.55 -7.91 20.79
CA ILE A 99 -3.12 -8.16 20.99
C ILE A 99 -2.84 -9.63 21.29
N ASN A 100 -3.78 -10.33 21.90
CA ASN A 100 -3.53 -11.74 22.25
C ASN A 100 -4.10 -12.70 21.19
N ASP A 101 -4.53 -12.17 20.04
CA ASP A 101 -5.06 -13.05 19.01
C ASP A 101 -3.96 -13.97 18.48
N PRO A 102 -4.28 -15.21 18.18
CA PRO A 102 -3.29 -16.09 17.57
C PRO A 102 -2.82 -15.52 16.23
N ILE A 103 -1.52 -15.68 15.97
CA ILE A 103 -0.95 -15.06 14.79
C ILE A 103 -1.59 -15.57 13.51
N MET A 104 -2.10 -16.81 13.51
CA MET A 104 -2.74 -17.31 12.30
C MET A 104 -3.98 -16.51 11.93
N LYS A 105 -4.67 -15.94 12.91
CA LYS A 105 -5.77 -15.04 12.61
C LYS A 105 -5.27 -13.81 11.86
N GLY A 106 -4.12 -13.28 12.28
CA GLY A 106 -3.53 -12.16 11.56
C GLY A 106 -3.05 -12.55 10.18
N PHE A 107 -2.39 -13.72 10.07
CA PHE A 107 -1.97 -14.22 8.76
C PHE A 107 -3.14 -14.22 7.78
N GLY A 108 -4.28 -14.75 8.21
CA GLY A 108 -5.44 -14.79 7.33
C GLY A 108 -5.97 -13.42 6.97
N MET A 109 -5.95 -12.48 7.91
CA MET A 109 -6.52 -11.17 7.66
C MET A 109 -5.68 -10.33 6.71
N VAL A 110 -4.36 -10.57 6.68
CA VAL A 110 -3.55 -9.75 5.77
C VAL A 110 -3.56 -10.28 4.35
N ILE A 111 -4.26 -11.38 4.08
CA ILE A 111 -4.45 -11.77 2.68
C ILE A 111 -5.16 -10.65 1.92
N ASN A 112 -6.22 -10.10 2.49
CA ASN A 112 -7.02 -9.07 1.83
C ASN A 112 -6.73 -7.67 2.32
N ASN A 113 -5.80 -7.50 3.26
CA ASN A 113 -5.55 -6.21 3.89
C ASN A 113 -4.05 -5.99 4.04
N GLY A 114 -3.55 -4.86 3.54
CA GLY A 114 -2.11 -4.61 3.65
C GLY A 114 -1.64 -4.45 5.09
N PHE A 115 -2.53 -3.96 5.96
CA PHE A 115 -2.28 -3.99 7.39
C PHE A 115 -3.61 -4.08 8.12
N VAL A 116 -3.54 -4.55 9.37
CA VAL A 116 -4.71 -4.69 10.22
C VAL A 116 -4.41 -4.04 11.56
N CYS A 117 -5.31 -3.20 12.03
CA CYS A 117 -5.13 -2.55 13.31
C CYS A 117 -5.36 -3.52 14.48
N VAL A 118 -4.62 -3.28 15.56
CA VAL A 118 -4.65 -4.10 16.75
C VAL A 118 -5.10 -3.23 17.92
N GLU A 119 -6.00 -3.77 18.76
CA GLU A 119 -6.45 -3.05 19.95
C GLU A 119 -6.46 -4.02 21.14
N ASN A 120 -6.62 -3.47 22.34
CA ASN A 120 -6.72 -4.32 23.53
C ASN A 120 -8.19 -4.59 23.84
N ASP A 121 -8.47 -5.25 24.97
CA ASP A 121 -9.83 -5.64 25.27
C ASP A 121 -10.76 -4.47 25.53
N GLU A 122 -10.21 -3.29 25.85
CA GLU A 122 -10.96 -2.06 26.09
C GLU A 122 -10.98 -1.15 24.87
N GLN A 123 -10.65 -1.68 23.69
CA GLN A 123 -10.67 -0.97 22.42
CA GLN A 123 -10.65 -1.00 22.41
C GLN A 123 -9.63 0.14 22.34
N VAL A 124 -8.62 0.10 23.19
CA VAL A 124 -7.53 1.08 23.07
C VAL A 124 -6.60 0.63 21.94
N PHE A 125 -6.32 1.54 21.02
CA PHE A 125 -5.47 1.23 19.87
C PHE A 125 -4.06 0.88 20.33
N GLU A 126 -3.52 -0.24 19.80
CA GLU A 126 -2.25 -0.76 20.27
C GLU A 126 -1.16 -0.84 19.20
N GLY A 127 -1.52 -0.86 17.93
CA GLY A 127 -0.53 -0.96 16.88
C GLY A 127 -1.15 -1.49 15.60
N ILE A 128 -0.26 -1.82 14.67
CA ILE A 128 -0.73 -2.39 13.40
C ILE A 128 0.06 -3.65 13.08
N PHE A 129 -0.61 -4.57 12.40
CA PHE A 129 -0.05 -5.85 12.00
C PHE A 129 0.07 -5.79 10.48
N THR A 130 1.31 -5.79 9.97
CA THR A 130 1.56 -5.50 8.56
C THR A 130 1.99 -6.75 7.80
N ARG A 131 1.70 -6.73 6.49
CA ARG A 131 2.18 -7.80 5.61
C ARG A 131 3.69 -7.94 5.65
N ARG A 132 4.44 -6.82 5.69
CA ARG A 132 5.89 -6.94 5.64
C ARG A 132 6.40 -7.75 6.83
N VAL A 133 5.85 -7.54 8.02
CA VAL A 133 6.35 -8.29 9.16
C VAL A 133 6.00 -9.76 9.03
N VAL A 134 4.76 -10.06 8.58
CA VAL A 134 4.35 -11.45 8.31
C VAL A 134 5.28 -12.10 7.30
N LEU A 135 5.53 -11.42 6.19
CA LEU A 135 6.35 -12.01 5.12
C LEU A 135 7.78 -12.22 5.56
N LYS A 136 8.32 -11.26 6.32
CA LYS A 136 9.71 -11.40 6.78
C LYS A 136 9.87 -12.56 7.75
N GLU A 137 8.88 -12.79 8.63
CA GLU A 137 9.04 -13.87 9.58
C GLU A 137 8.80 -15.22 8.93
N LEU A 138 7.81 -15.33 8.04
CA LEU A 138 7.65 -16.54 7.26
C LEU A 138 8.87 -16.79 6.37
N ASN A 139 9.56 -15.72 5.98
CA ASN A 139 10.85 -15.80 5.31
C ASN A 139 11.80 -16.73 6.07
N LYS A 140 11.86 -16.58 7.39
CA LYS A 140 12.84 -17.37 8.15
C LYS A 140 12.46 -18.84 8.23
N HIS A 141 11.18 -19.18 8.21
CA HIS A 141 10.75 -20.52 8.60
C HIS A 141 10.51 -21.45 7.43
N ILE A 142 10.05 -20.93 6.28
CA ILE A 142 10.06 -21.74 5.07
C ILE A 142 11.49 -22.09 4.67
N ARG A 143 12.38 -21.10 4.71
CA ARG A 143 13.79 -21.35 4.35
C ARG A 143 14.43 -22.36 5.27
N SER A 144 14.49 -22.06 6.56
CA SER A 144 15.15 -22.95 7.51
C SER A 144 14.59 -22.79 8.92
N LEU B 10 7.27 -24.93 -4.24
CA LEU B 10 7.17 -26.16 -5.01
C LEU B 10 8.06 -26.09 -6.25
N GLU B 11 7.56 -26.69 -7.33
CA GLU B 11 7.99 -26.34 -8.68
C GLU B 11 7.10 -25.27 -9.29
N ALA B 12 6.33 -24.56 -8.47
CA ALA B 12 5.45 -23.50 -8.96
C ALA B 12 6.28 -22.31 -9.40
N THR B 13 5.83 -21.66 -10.47
CA THR B 13 6.55 -20.51 -11.01
C THR B 13 5.74 -19.23 -10.85
N VAL B 14 6.47 -18.13 -10.93
CA VAL B 14 5.88 -16.79 -10.90
C VAL B 14 4.78 -16.65 -11.93
N GLY B 15 5.01 -17.14 -13.16
CA GLY B 15 4.02 -16.96 -14.22
C GLY B 15 2.70 -17.64 -13.91
N GLN B 16 2.73 -18.72 -13.12
CA GLN B 16 1.49 -19.40 -12.77
C GLN B 16 0.65 -18.63 -11.76
N PHE B 17 1.26 -17.68 -11.03
CA PHE B 17 0.54 -16.98 -9.98
C PHE B 17 0.45 -15.48 -10.19
N MET B 18 1.14 -14.94 -11.19
CA MET B 18 1.12 -13.50 -11.39
C MET B 18 -0.24 -13.02 -11.90
N ILE B 19 -0.50 -11.75 -11.62
CA ILE B 19 -1.59 -11.02 -12.27
C ILE B 19 -1.12 -10.66 -13.68
N GLU B 20 -1.82 -11.18 -14.68
CA GLU B 20 -1.39 -10.96 -16.06
C GLU B 20 -1.50 -9.48 -16.43
N ALA B 21 -0.61 -9.05 -17.34
CA ALA B 21 -0.47 -7.64 -17.68
C ALA B 21 -1.78 -7.01 -18.15
N ASP B 22 -2.61 -7.75 -18.91
CA ASP B 22 -3.82 -7.09 -19.40
C ASP B 22 -4.82 -6.79 -18.27
N LYS B 23 -4.61 -7.33 -17.08
CA LYS B 23 -5.41 -7.00 -15.91
C LYS B 23 -4.79 -5.90 -15.05
N VAL B 24 -3.62 -5.38 -15.43
CA VAL B 24 -2.89 -4.43 -14.59
C VAL B 24 -3.14 -3.00 -15.07
N ALA B 25 -3.52 -2.13 -14.12
CA ALA B 25 -3.63 -0.70 -14.41
C ALA B 25 -2.24 -0.12 -14.67
N HIS B 26 -2.16 0.82 -15.61
CA HIS B 26 -0.87 1.45 -15.91
C HIS B 26 -1.08 2.87 -16.45
N VAL B 27 0.03 3.60 -16.52
CA VAL B 27 0.14 4.84 -17.26
C VAL B 27 1.34 4.70 -18.19
N GLN B 28 1.52 5.70 -19.07
CA GLN B 28 2.59 5.66 -20.06
C GLN B 28 3.60 6.77 -19.80
N VAL B 29 4.84 6.56 -20.25
CA VAL B 29 5.78 7.66 -20.15
CA VAL B 29 5.82 7.64 -20.22
C VAL B 29 5.27 8.82 -21.01
N GLY B 30 5.48 10.02 -20.51
CA GLY B 30 4.96 11.20 -21.12
C GLY B 30 3.64 11.66 -20.54
N ASN B 31 2.87 10.77 -19.91
CA ASN B 31 1.68 11.21 -19.19
C ASN B 31 2.09 12.14 -18.05
N ASN B 32 1.22 13.08 -17.71
CA ASN B 32 1.56 13.96 -16.58
C ASN B 32 1.04 13.39 -15.25
N LEU B 33 1.53 14.01 -14.16
CA LEU B 33 1.23 13.49 -12.83
C LEU B 33 -0.25 13.62 -12.50
N GLU B 34 -0.92 14.63 -13.05
CA GLU B 34 -2.35 14.77 -12.75
C GLU B 34 -3.12 13.59 -13.31
N HIS B 35 -2.80 13.18 -14.55
CA HIS B 35 -3.44 12.00 -15.10
C HIS B 35 -3.12 10.77 -14.25
N ALA B 36 -1.85 10.56 -13.90
CA ALA B 36 -1.49 9.40 -13.10
C ALA B 36 -2.21 9.39 -11.76
N LEU B 37 -2.27 10.56 -11.09
CA LEU B 37 -2.95 10.62 -9.80
C LEU B 37 -4.43 10.34 -9.95
N LEU B 38 -5.05 10.82 -11.03
CA LEU B 38 -6.46 10.52 -11.26
C LEU B 38 -6.70 9.02 -11.46
N VAL B 39 -5.83 8.36 -12.24
CA VAL B 39 -5.97 6.91 -12.45
C VAL B 39 -5.80 6.17 -11.13
N LEU B 40 -4.79 6.55 -10.33
CA LEU B 40 -4.60 5.91 -9.03
C LEU B 40 -5.84 6.10 -8.15
N THR B 41 -6.38 7.33 -8.12
CA THR B 41 -7.53 7.61 -7.28
C THR B 41 -8.75 6.79 -7.72
N LYS B 42 -9.02 6.74 -9.04
CA LYS B 42 -10.21 6.06 -9.52
C LYS B 42 -10.09 4.55 -9.41
N THR B 43 -8.93 3.99 -9.76
CA THR B 43 -8.76 2.54 -9.65
C THR B 43 -8.62 2.11 -8.19
N GLY B 44 -8.21 3.03 -7.31
CA GLY B 44 -7.95 2.71 -5.93
C GLY B 44 -6.58 2.14 -5.64
N TYR B 45 -5.74 1.93 -6.66
CA TYR B 45 -4.41 1.42 -6.38
C TYR B 45 -3.46 2.54 -5.95
N THR B 46 -2.42 2.18 -5.18
CA THR B 46 -1.53 3.23 -4.69
C THR B 46 -0.22 3.29 -5.45
N ALA B 47 0.07 2.32 -6.31
CA ALA B 47 1.26 2.34 -7.16
C ALA B 47 1.01 1.40 -8.33
N ILE B 48 1.40 1.84 -9.52
CA ILE B 48 1.14 1.08 -10.75
C ILE B 48 2.32 1.25 -11.70
N PRO B 49 2.45 0.34 -12.66
CA PRO B 49 3.58 0.44 -13.62
C PRO B 49 3.44 1.59 -14.61
N VAL B 50 4.60 2.04 -15.09
CA VAL B 50 4.72 3.02 -16.17
C VAL B 50 5.31 2.30 -17.37
N LEU B 51 4.58 2.29 -18.48
CA LEU B 51 4.96 1.60 -19.72
C LEU B 51 5.25 2.59 -20.84
N ASP B 52 5.91 2.11 -21.90
CA ASP B 52 6.01 2.91 -23.12
C ASP B 52 5.10 2.33 -24.19
N PRO B 53 5.00 2.95 -25.38
CA PRO B 53 4.09 2.40 -26.41
C PRO B 53 4.45 1.00 -26.91
N SER B 54 5.70 0.57 -26.74
CA SER B 54 6.08 -0.80 -27.04
C SER B 54 5.72 -1.77 -25.93
N TYR B 55 4.98 -1.29 -24.92
CA TYR B 55 4.58 -2.10 -23.75
C TYR B 55 5.77 -2.55 -22.93
N ARG B 56 6.83 -1.72 -22.90
CA ARG B 56 8.01 -2.00 -22.08
C ARG B 56 7.91 -1.27 -20.74
N LEU B 57 8.42 -1.92 -19.71
CA LEU B 57 8.37 -1.35 -18.36
C LEU B 57 9.48 -0.34 -18.15
N HIS B 58 9.11 0.87 -17.71
CA HIS B 58 10.09 1.90 -17.40
C HIS B 58 10.22 2.24 -15.93
N GLY B 59 9.19 1.97 -15.13
CA GLY B 59 9.28 2.28 -13.71
C GLY B 59 7.91 2.14 -13.07
N LEU B 60 7.82 2.59 -11.81
CA LEU B 60 6.57 2.57 -11.04
C LEU B 60 6.23 3.98 -10.59
N ILE B 61 4.95 4.32 -10.63
CA ILE B 61 4.45 5.61 -10.16
C ILE B 61 3.40 5.34 -9.08
N GLY B 62 3.40 6.18 -8.04
CA GLY B 62 2.45 5.96 -6.96
C GLY B 62 2.03 7.25 -6.29
N THR B 63 1.02 7.14 -5.43
CA THR B 63 0.46 8.33 -4.79
C THR B 63 1.49 9.02 -3.88
N ASN B 64 2.27 8.24 -3.12
CA ASN B 64 3.21 8.88 -2.21
C ASN B 64 4.27 9.68 -2.96
N MET B 65 4.84 9.11 -4.03
CA MET B 65 5.87 9.87 -4.73
C MET B 65 5.28 11.08 -5.44
N ILE B 66 4.06 10.98 -5.96
CA ILE B 66 3.42 12.13 -6.59
C ILE B 66 3.19 13.24 -5.55
N MET B 67 2.64 12.89 -4.39
CA MET B 67 2.38 13.93 -3.39
C MET B 67 3.70 14.55 -2.92
N ASN B 68 4.74 13.74 -2.75
CA ASN B 68 5.99 14.33 -2.30
C ASN B 68 6.61 15.25 -3.36
N SER B 69 6.29 15.04 -4.64
CA SER B 69 6.87 15.91 -5.65
C SER B 69 6.24 17.30 -5.66
N ILE B 70 5.07 17.48 -5.03
CA ILE B 70 4.39 18.77 -5.02
C ILE B 70 4.23 19.32 -3.61
N PHE B 71 4.84 18.67 -2.62
CA PHE B 71 4.73 19.12 -1.23
CA PHE B 71 4.79 19.05 -1.21
C PHE B 71 5.83 20.14 -0.99
N GLY B 72 5.44 21.42 -1.15
CA GLY B 72 6.36 22.52 -1.02
C GLY B 72 6.51 22.98 0.41
N LEU B 73 7.50 23.85 0.61
CA LEU B 73 7.73 24.40 1.93
C LEU B 73 6.51 25.16 2.43
N GLU B 74 5.87 25.95 1.55
CA GLU B 74 4.78 26.81 1.96
C GLU B 74 3.40 26.33 1.51
N ARG B 75 3.30 25.46 0.52
CA ARG B 75 1.98 25.07 0.05
C ARG B 75 2.10 23.77 -0.74
N ILE B 76 0.95 23.10 -0.92
CA ILE B 76 0.86 21.93 -1.78
C ILE B 76 0.62 22.43 -3.20
N GLU B 77 1.56 22.14 -4.10
CA GLU B 77 1.55 22.78 -5.41
C GLU B 77 0.75 21.94 -6.42
N PHE B 78 -0.56 21.84 -6.16
CA PHE B 78 -1.42 21.01 -7.02
C PHE B 78 -1.36 21.47 -8.48
N GLU B 79 -1.13 22.77 -8.71
CA GLU B 79 -1.08 23.27 -10.08
C GLU B 79 0.09 22.71 -10.87
N LYS B 80 1.12 22.17 -10.19
CA LYS B 80 2.25 21.62 -10.90
C LYS B 80 1.97 20.22 -11.45
N LEU B 81 0.89 19.57 -11.02
CA LEU B 81 0.70 18.16 -11.39
C LEU B 81 0.61 17.98 -12.91
N ASP B 82 -0.04 18.89 -13.62
CA ASP B 82 -0.14 18.73 -15.06
C ASP B 82 1.05 19.33 -15.80
N GLN B 83 2.08 19.77 -15.06
CA GLN B 83 3.32 20.30 -15.61
C GLN B 83 4.49 19.34 -15.47
N ILE B 84 4.32 18.22 -14.77
CA ILE B 84 5.40 17.28 -14.49
C ILE B 84 5.01 15.93 -15.11
N THR B 85 5.95 15.31 -15.83
CA THR B 85 5.68 14.01 -16.44
C THR B 85 6.03 12.87 -15.50
N VAL B 86 5.37 11.73 -15.69
CA VAL B 86 5.59 10.60 -14.79
C VAL B 86 7.05 10.19 -14.78
N GLU B 87 7.76 10.28 -15.91
CA GLU B 87 9.14 9.81 -15.92
C GLU B 87 10.06 10.68 -15.07
N GLU B 88 9.65 11.90 -14.72
CA GLU B 88 10.46 12.73 -13.84
C GLU B 88 10.34 12.34 -12.37
N VAL B 89 9.38 11.49 -12.02
CA VAL B 89 9.07 11.18 -10.62
C VAL B 89 9.15 9.69 -10.34
N MET B 90 8.92 8.88 -11.37
CA MET B 90 8.75 7.45 -11.16
C MET B 90 10.01 6.79 -10.60
N LEU B 91 9.81 5.68 -9.89
CA LEU B 91 10.89 4.87 -9.37
C LEU B 91 11.34 3.89 -10.43
N THR B 92 12.65 3.85 -10.70
CA THR B 92 13.18 2.95 -11.71
C THR B 92 14.06 1.84 -11.16
N ASP B 93 14.59 2.00 -9.95
CA ASP B 93 15.45 0.99 -9.32
C ASP B 93 14.56 0.01 -8.58
N ILE B 94 14.03 -0.96 -9.33
CA ILE B 94 13.00 -1.87 -8.86
C ILE B 94 13.39 -3.31 -9.19
N PRO B 95 12.96 -4.29 -8.40
CA PRO B 95 13.28 -5.68 -8.74
C PRO B 95 12.48 -6.14 -9.95
N ARG B 96 12.92 -7.25 -10.54
CA ARG B 96 12.22 -7.81 -11.69
C ARG B 96 12.22 -9.32 -11.59
N LEU B 97 11.14 -9.92 -12.09
CA LEU B 97 10.99 -11.37 -12.15
C LEU B 97 10.83 -11.80 -13.60
N HIS B 98 11.20 -13.05 -13.86
CA HIS B 98 10.90 -13.75 -15.10
C HIS B 98 9.71 -14.69 -14.88
N ILE B 99 8.99 -15.00 -15.97
CA ILE B 99 7.81 -15.85 -15.79
C ILE B 99 8.18 -17.23 -15.30
N ASN B 100 9.40 -17.71 -15.59
CA ASN B 100 9.79 -19.05 -15.13
C ASN B 100 10.54 -19.06 -13.81
N ASP B 101 10.63 -17.92 -13.12
CA ASP B 101 11.29 -17.89 -11.82
C ASP B 101 10.47 -18.69 -10.81
N PRO B 102 11.13 -19.34 -9.85
CA PRO B 102 10.39 -20.09 -8.82
C PRO B 102 9.63 -19.14 -7.90
N ILE B 103 8.49 -19.62 -7.40
CA ILE B 103 7.65 -18.75 -6.59
C ILE B 103 8.38 -18.25 -5.35
N MET B 104 9.32 -19.05 -4.80
CA MET B 104 10.02 -18.61 -3.61
C MET B 104 10.96 -17.43 -3.89
N LYS B 105 11.43 -17.28 -5.14
CA LYS B 105 12.22 -16.09 -5.46
C LYS B 105 11.33 -14.84 -5.43
N GLY B 106 10.11 -14.97 -5.94
CA GLY B 106 9.16 -13.88 -5.85
C GLY B 106 8.76 -13.59 -4.42
N PHE B 107 8.58 -14.63 -3.62
CA PHE B 107 8.30 -14.45 -2.19
C PHE B 107 9.35 -13.56 -1.52
N GLY B 108 10.62 -13.83 -1.78
CA GLY B 108 11.67 -12.99 -1.21
C GLY B 108 11.54 -11.53 -1.64
N MET B 109 11.18 -11.30 -2.90
CA MET B 109 11.17 -9.94 -3.43
C MET B 109 10.00 -9.13 -2.93
N VAL B 110 8.91 -9.77 -2.48
CA VAL B 110 7.79 -8.99 -1.97
C VAL B 110 7.87 -8.72 -0.48
N ILE B 111 8.96 -9.11 0.18
CA ILE B 111 9.15 -8.68 1.56
C ILE B 111 9.19 -7.14 1.62
N ASN B 112 9.96 -6.52 0.72
CA ASN B 112 10.11 -5.07 0.74
C ASN B 112 9.28 -4.37 -0.33
N ASN B 113 8.50 -5.11 -1.11
CA ASN B 113 7.77 -4.53 -2.24
C ASN B 113 6.35 -5.11 -2.29
N GLY B 114 5.35 -4.22 -2.35
CA GLY B 114 3.98 -4.68 -2.45
C GLY B 114 3.73 -5.51 -3.70
N PHE B 115 4.42 -5.21 -4.78
CA PHE B 115 4.37 -6.05 -5.97
C PHE B 115 5.69 -5.94 -6.71
N VAL B 116 5.96 -6.94 -7.55
CA VAL B 116 7.18 -6.99 -8.34
C VAL B 116 6.77 -7.27 -9.78
N CYS B 117 7.33 -6.49 -10.70
CA CYS B 117 6.98 -6.65 -12.11
C CYS B 117 7.64 -7.87 -12.73
N VAL B 118 6.91 -8.51 -13.64
CA VAL B 118 7.40 -9.63 -14.44
C VAL B 118 7.61 -9.12 -15.88
N GLU B 119 8.78 -9.42 -16.44
CA GLU B 119 9.10 -8.90 -17.77
C GLU B 119 10.07 -9.84 -18.46
N ASN B 120 10.15 -9.73 -19.78
CA ASN B 120 11.08 -10.56 -20.53
C ASN B 120 12.37 -9.79 -20.81
N ASP B 121 13.27 -10.43 -21.58
CA ASP B 121 14.61 -9.87 -21.80
C ASP B 121 14.57 -8.59 -22.62
N GLU B 122 13.53 -8.36 -23.42
CA GLU B 122 13.34 -7.11 -24.13
C GLU B 122 12.58 -6.07 -23.31
N GLN B 123 12.42 -6.31 -22.01
CA GLN B 123 11.74 -5.43 -21.07
C GLN B 123 10.25 -5.32 -21.35
N VAL B 124 9.68 -6.28 -22.08
CA VAL B 124 8.24 -6.27 -22.32
C VAL B 124 7.51 -6.71 -21.05
N PHE B 125 6.51 -5.93 -20.67
CA PHE B 125 5.81 -6.12 -19.41
C PHE B 125 4.85 -7.30 -19.52
N GLU B 126 4.93 -8.25 -18.56
CA GLU B 126 4.12 -9.45 -18.62
C GLU B 126 3.10 -9.60 -17.49
N GLY B 127 3.31 -8.93 -16.37
CA GLY B 127 2.39 -9.07 -15.26
C GLY B 127 3.03 -8.56 -13.99
N ILE B 128 2.30 -8.68 -12.88
CA ILE B 128 2.84 -8.31 -11.58
C ILE B 128 2.66 -9.47 -10.62
N PHE B 129 3.61 -9.64 -9.71
CA PHE B 129 3.57 -10.66 -8.67
C PHE B 129 3.33 -9.93 -7.35
N THR B 130 2.18 -10.16 -6.74
CA THR B 130 1.71 -9.33 -5.63
C THR B 130 1.85 -10.07 -4.32
N ARG B 131 1.87 -9.30 -3.23
CA ARG B 131 1.89 -9.92 -1.91
C ARG B 131 0.65 -10.77 -1.69
N ARG B 132 -0.51 -10.32 -2.18
CA ARG B 132 -1.75 -11.06 -1.95
C ARG B 132 -1.67 -12.47 -2.51
N VAL B 133 -1.15 -12.61 -3.74
CA VAL B 133 -1.11 -13.96 -4.30
C VAL B 133 -0.12 -14.84 -3.53
N VAL B 134 0.99 -14.26 -3.08
CA VAL B 134 1.94 -15.00 -2.23
C VAL B 134 1.27 -15.45 -0.96
N LEU B 135 0.59 -14.53 -0.28
CA LEU B 135 0.03 -14.83 1.03
C LEU B 135 -1.09 -15.85 0.93
N LYS B 136 -1.89 -15.78 -0.13
CA LYS B 136 -2.94 -16.76 -0.30
C LYS B 136 -2.36 -18.16 -0.41
N GLU B 137 -1.27 -18.31 -1.18
N GLU B 137 -1.28 -18.31 -1.19
CA GLU B 137 -0.66 -19.63 -1.36
CA GLU B 137 -0.68 -19.63 -1.34
C GLU B 137 0.03 -20.10 -0.09
C GLU B 137 -0.01 -20.10 -0.06
N LEU B 138 0.74 -19.20 0.61
CA LEU B 138 1.37 -19.57 1.87
C LEU B 138 0.35 -20.01 2.90
N ASN B 139 -0.81 -19.33 2.96
CA ASN B 139 -1.84 -19.74 3.91
C ASN B 139 -2.34 -21.13 3.60
N LYS B 140 -2.45 -21.48 2.30
CA LYS B 140 -2.79 -22.86 1.93
C LYS B 140 -1.77 -23.84 2.48
N HIS B 141 -0.48 -23.50 2.43
CA HIS B 141 0.56 -24.44 2.85
C HIS B 141 0.55 -24.66 4.35
N ILE B 142 0.48 -23.55 5.08
CA ILE B 142 0.45 -23.67 6.56
C ILE B 142 -0.79 -24.47 6.95
N ARG B 143 -1.90 -24.25 6.25
CA ARG B 143 -3.23 -24.75 6.68
C ARG B 143 -3.45 -26.13 6.06
#